data_8OO2
#
_entry.id   8OO2
#
_cell.length_a   44.580
_cell.length_b   82.780
_cell.length_c   99.940
_cell.angle_alpha   90.00
_cell.angle_beta   90.00
_cell.angle_gamma   90.00
#
_symmetry.space_group_name_H-M   'P 21 21 21'
#
loop_
_entity.id
_entity.type
_entity.pdbx_description
1 polymer 'Putative transcriptional regulator'
2 non-polymer 2-carboxamido-2-deacetyl-chelocardin
3 non-polymer 'MAGNESIUM ION'
4 water water
#
_entity_poly.entity_id   1
_entity_poly.type   'polypeptide(L)'
_entity_poly.pdbx_seq_one_letter_code
;GAMAVRLSPETFARAALKLLNKSGLEGVSLRKLGDELGVQGPALYAHFKNKQELLDLMAEIMLDEALAPLDAMTEVADWH
WWLAERARTIRRTLLSYRDGALLHAGSRPTADGAEAIPALLRPLREAGFSDKEALTVIITIGRYTLGCVIDEQRPGEPAP
QPGPGADDTFEFGLQALLAGLRARLPERVPDSAG
;
_entity_poly.pdbx_strand_id   A,B
#
# COMPACT_ATOMS: atom_id res chain seq x y z
N VAL A 5 14.92 12.14 -30.48
CA VAL A 5 15.14 10.78 -29.88
C VAL A 5 14.34 9.77 -30.69
N ARG A 6 14.66 8.48 -30.51
CA ARG A 6 14.00 7.45 -31.27
C ARG A 6 12.55 7.32 -30.81
N LEU A 7 11.67 6.95 -31.74
CA LEU A 7 10.23 6.86 -31.47
C LEU A 7 9.90 5.45 -31.02
N SER A 8 10.09 5.22 -29.73
CA SER A 8 9.75 3.93 -29.13
C SER A 8 9.12 4.19 -27.74
N PRO A 9 8.21 3.30 -27.33
CA PRO A 9 7.56 3.53 -26.02
C PRO A 9 8.53 3.57 -24.86
N GLU A 10 9.59 2.79 -24.90
CA GLU A 10 10.52 2.70 -23.75
C GLU A 10 11.26 4.04 -23.63
N THR A 11 11.66 4.66 -24.74
CA THR A 11 12.26 5.98 -24.68
C THR A 11 11.26 7.00 -24.12
N PHE A 12 10.00 6.92 -24.54
CA PHE A 12 9.00 7.84 -24.04
C PHE A 12 8.76 7.62 -22.56
N ALA A 13 8.68 6.38 -22.12
CA ALA A 13 8.37 6.12 -20.71
C ALA A 13 9.53 6.48 -19.82
N ARG A 14 10.77 6.35 -20.32
CA ARG A 14 11.92 6.74 -19.50
C ARG A 14 12.02 8.26 -19.36
N ALA A 15 11.59 9.00 -20.37
CA ALA A 15 11.45 10.45 -20.24
C ALA A 15 10.36 10.77 -19.20
N ALA A 16 9.29 10.00 -19.16
CA ALA A 16 8.22 10.23 -18.21
C ALA A 16 8.68 9.94 -16.79
N LEU A 17 9.63 9.03 -16.61
CA LEU A 17 10.15 8.77 -15.27
C LEU A 17 10.96 9.98 -14.80
N LYS A 18 11.60 10.68 -15.72
CA LYS A 18 12.35 11.92 -15.39
C LYS A 18 11.33 12.94 -14.93
N LEU A 19 10.20 13.05 -15.63
CA LEU A 19 9.13 13.94 -15.22
C LEU A 19 8.60 13.58 -13.83
N LEU A 20 8.44 12.29 -13.57
CA LEU A 20 7.97 11.85 -12.25
C LEU A 20 8.89 12.37 -11.16
N ASN A 21 10.21 12.16 -11.32
CA ASN A 21 11.14 12.58 -10.28
C ASN A 21 11.17 14.09 -10.16
N LYS A 22 10.93 14.80 -11.26
CA LYS A 22 11.00 16.25 -11.25
C LYS A 22 9.77 16.87 -10.61
N SER A 23 8.58 16.39 -10.97
CA SER A 23 7.33 17.07 -10.63
C SER A 23 6.33 16.19 -9.88
N GLY A 24 6.63 14.91 -9.66
CA GLY A 24 5.70 14.02 -9.04
C GLY A 24 4.68 13.51 -10.00
N LEU A 25 3.81 12.65 -9.48
CA LEU A 25 2.88 11.96 -10.38
C LEU A 25 1.90 12.93 -11.00
N GLU A 26 1.60 14.03 -10.31
CA GLU A 26 0.73 15.06 -10.89
C GLU A 26 1.34 15.68 -12.15
N GLY A 27 2.64 15.62 -12.30
CA GLY A 27 3.31 16.13 -13.50
C GLY A 27 3.44 15.13 -14.62
N VAL A 28 2.81 13.97 -14.51
CA VAL A 28 2.89 12.90 -15.49
C VAL A 28 1.50 12.72 -16.13
N SER A 29 1.44 12.87 -17.42
CA SER A 29 0.25 12.62 -18.22
C SER A 29 0.70 12.57 -19.67
N LEU A 30 -0.18 12.07 -20.55
CA LEU A 30 0.15 12.04 -21.97
C LEU A 30 0.48 13.44 -22.48
N ARG A 31 -0.35 14.43 -22.13
CA ARG A 31 -0.15 15.78 -22.60
C ARG A 31 1.16 16.36 -22.08
N LYS A 32 1.42 16.17 -20.79
CA LYS A 32 2.62 16.75 -20.19
C LYS A 32 3.87 16.06 -20.69
N LEU A 33 3.80 14.76 -20.97
CA LEU A 33 4.92 14.08 -21.60
C LEU A 33 5.14 14.62 -23.02
N GLY A 34 4.05 14.84 -23.76
CA GLY A 34 4.18 15.46 -25.08
C GLY A 34 4.84 16.81 -25.03
N ASP A 35 4.50 17.63 -24.02
CA ASP A 35 5.17 18.91 -23.84
C ASP A 35 6.67 18.70 -23.60
N GLU A 36 7.02 17.72 -22.79
CA GLU A 36 8.43 17.45 -22.48
C GLU A 36 9.19 17.04 -23.75
N LEU A 37 8.55 16.27 -24.62
CA LEU A 37 9.19 15.84 -25.85
C LEU A 37 9.13 16.88 -26.94
N GLY A 38 8.38 17.95 -26.75
CA GLY A 38 8.41 19.06 -27.70
C GLY A 38 7.84 18.64 -29.06
N VAL A 39 8.60 18.95 -30.11
CA VAL A 39 8.13 18.71 -31.49
C VAL A 39 7.81 17.24 -31.71
N GLN A 40 8.45 16.34 -30.97
CA GLN A 40 8.24 14.91 -31.12
C GLN A 40 7.07 14.41 -30.27
N GLY A 41 6.41 15.28 -29.54
CA GLY A 41 5.35 14.89 -28.63
C GLY A 41 4.27 14.05 -29.27
N PRO A 42 3.74 14.50 -30.40
CA PRO A 42 2.60 13.77 -31.00
C PRO A 42 2.86 12.31 -31.27
N ALA A 43 4.13 11.90 -31.35
CA ALA A 43 4.41 10.49 -31.63
C ALA A 43 4.01 9.57 -30.47
N LEU A 44 3.94 10.11 -29.26
CA LEU A 44 3.61 9.27 -28.10
C LEU A 44 2.23 8.67 -28.23
N TYR A 45 1.31 9.36 -28.93
CA TYR A 45 -0.06 8.91 -29.00
C TYR A 45 -0.23 7.68 -29.89
N ALA A 46 0.74 7.39 -30.76
CA ALA A 46 0.72 6.15 -31.51
C ALA A 46 1.08 4.95 -30.66
N HIS A 47 1.58 5.16 -29.43
CA HIS A 47 2.09 4.07 -28.61
C HIS A 47 1.36 3.89 -27.30
N PHE A 48 0.65 4.91 -26.82
CA PHE A 48 -0.11 4.82 -25.57
C PHE A 48 -1.54 5.23 -25.85
N LYS A 49 -2.49 4.31 -25.61
CA LYS A 49 -3.90 4.61 -25.80
C LYS A 49 -4.46 5.48 -24.69
N ASN A 50 -3.83 5.47 -23.52
CA ASN A 50 -4.34 6.20 -22.37
C ASN A 50 -3.23 6.34 -21.37
N LYS A 51 -3.45 7.18 -20.35
CA LYS A 51 -2.41 7.44 -19.36
C LYS A 51 -1.98 6.15 -18.66
N GLN A 52 -2.93 5.28 -18.35
CA GLN A 52 -2.57 4.08 -17.61
C GLN A 52 -1.58 3.22 -18.38
N GLU A 53 -1.68 3.18 -19.72
CA GLU A 53 -0.71 2.42 -20.51
C GLU A 53 0.70 3.01 -20.34
N LEU A 54 0.82 4.30 -20.26
CA LEU A 54 2.13 4.91 -19.97
C LEU A 54 2.58 4.54 -18.56
N LEU A 55 1.67 4.65 -17.57
CA LEU A 55 2.07 4.34 -16.21
C LEU A 55 2.49 2.89 -16.07
N ASP A 56 1.79 1.98 -16.76
CA ASP A 56 2.13 0.56 -16.71
C ASP A 56 3.58 0.36 -17.13
N LEU A 57 3.96 1.01 -18.23
CA LEU A 57 5.33 0.85 -18.76
C LEU A 57 6.33 1.48 -17.84
N MET A 58 6.04 2.70 -17.32
CA MET A 58 6.93 3.31 -16.36
C MET A 58 7.16 2.40 -15.17
N ALA A 59 6.07 1.87 -14.62
CA ALA A 59 6.18 1.06 -13.40
C ALA A 59 7.07 -0.17 -13.66
N GLU A 60 6.94 -0.77 -14.84
CA GLU A 60 7.80 -1.93 -15.17
C GLU A 60 9.24 -1.55 -15.31
N ILE A 61 9.54 -0.50 -16.09
CA ILE A 61 10.92 -0.07 -16.29
C ILE A 61 11.58 0.29 -14.96
N MET A 62 10.86 1.02 -14.12
CA MET A 62 11.39 1.43 -12.85
C MET A 62 11.95 0.25 -12.07
N LEU A 63 11.15 -0.81 -11.94
CA LEU A 63 11.58 -1.92 -11.09
C LEU A 63 12.52 -2.88 -11.84
N ASP A 64 12.30 -3.07 -13.14
CA ASP A 64 13.22 -3.93 -13.92
C ASP A 64 14.67 -3.51 -13.74
N GLU A 65 14.94 -2.22 -13.79
CA GLU A 65 16.31 -1.75 -13.66
C GLU A 65 16.95 -2.29 -12.39
N ALA A 66 16.20 -2.36 -11.32
CA ALA A 66 16.75 -2.75 -10.02
C ALA A 66 16.68 -4.24 -9.81
N LEU A 67 15.68 -4.90 -10.40
CA LEU A 67 15.52 -6.35 -10.24
C LEU A 67 16.37 -7.17 -11.19
N ALA A 68 17.00 -6.52 -12.18
CA ALA A 68 17.77 -7.24 -13.18
C ALA A 68 18.75 -8.24 -12.61
N PRO A 69 19.56 -7.92 -11.60
CA PRO A 69 20.47 -8.94 -11.04
C PRO A 69 19.72 -10.16 -10.57
N LEU A 70 18.61 -9.98 -9.85
CA LEU A 70 17.84 -11.12 -9.38
C LEU A 70 17.18 -11.87 -10.52
N ASP A 71 16.76 -11.16 -11.57
CA ASP A 71 16.14 -11.80 -12.72
C ASP A 71 17.14 -12.66 -13.48
N ALA A 72 18.41 -12.36 -13.36
CA ALA A 72 19.45 -13.10 -14.09
C ALA A 72 19.89 -14.36 -13.39
N MET A 73 19.43 -14.61 -12.17
CA MET A 73 19.89 -15.79 -11.43
C MET A 73 19.26 -17.05 -11.99
N THR A 74 20.08 -18.08 -12.16
CA THR A 74 19.65 -19.36 -12.68
C THR A 74 19.75 -20.42 -11.59
N GLU A 75 18.98 -21.50 -11.77
CA GLU A 75 18.94 -22.61 -10.81
C GLU A 75 18.86 -22.12 -9.37
N VAL A 76 18.04 -21.09 -9.12
CA VAL A 76 17.86 -20.53 -7.79
C VAL A 76 17.36 -21.60 -6.86
N ALA A 77 18.19 -22.02 -5.89
CA ALA A 77 17.84 -23.08 -4.97
C ALA A 77 17.15 -22.57 -3.72
N ASP A 78 17.41 -21.31 -3.33
CA ASP A 78 16.89 -20.72 -2.11
C ASP A 78 15.85 -19.67 -2.51
N TRP A 79 14.63 -20.16 -2.82
CA TRP A 79 13.59 -19.25 -3.26
C TRP A 79 13.17 -18.27 -2.16
N HIS A 80 13.31 -18.66 -0.91
CA HIS A 80 13.02 -17.74 0.20
C HIS A 80 13.93 -16.52 0.16
N TRP A 81 15.23 -16.73 0.12
CA TRP A 81 16.17 -15.64 0.01
C TRP A 81 15.87 -14.80 -1.22
N TRP A 82 15.68 -15.46 -2.37
CA TRP A 82 15.42 -14.76 -3.62
C TRP A 82 14.18 -13.86 -3.51
N LEU A 83 13.08 -14.40 -3.01
CA LEU A 83 11.86 -13.61 -2.91
C LEU A 83 12.00 -12.48 -1.92
N ALA A 84 12.65 -12.72 -0.80
CA ALA A 84 12.91 -11.70 0.18
C ALA A 84 13.72 -10.57 -0.42
N GLU A 85 14.70 -10.91 -1.24
CA GLU A 85 15.54 -9.88 -1.87
C GLU A 85 14.78 -9.12 -2.93
N ARG A 86 13.89 -9.81 -3.65
CA ARG A 86 13.01 -9.10 -4.57
C ARG A 86 12.19 -8.04 -3.82
N ALA A 87 11.60 -8.44 -2.70
CA ALA A 87 10.76 -7.49 -1.94
C ALA A 87 11.61 -6.32 -1.44
N ARG A 88 12.79 -6.60 -0.90
CA ARG A 88 13.66 -5.54 -0.42
C ARG A 88 14.07 -4.60 -1.54
N THR A 89 14.31 -5.16 -2.73
CA THR A 89 14.72 -4.37 -3.87
C THR A 89 13.59 -3.48 -4.36
N ILE A 90 12.40 -4.03 -4.46
CA ILE A 90 11.21 -3.25 -4.81
C ILE A 90 11.00 -2.11 -3.81
N ARG A 91 11.10 -2.44 -2.50
CA ARG A 91 10.92 -1.42 -1.47
C ARG A 91 11.93 -0.28 -1.65
N ARG A 92 13.22 -0.62 -1.76
CA ARG A 92 14.24 0.40 -1.94
C ARG A 92 13.97 1.22 -3.19
N THR A 93 13.60 0.57 -4.28
CA THR A 93 13.39 1.27 -5.53
C THR A 93 12.21 2.21 -5.49
N LEU A 94 11.08 1.74 -4.96
CA LEU A 94 9.90 2.60 -4.90
C LEU A 94 10.15 3.79 -4.02
N LEU A 95 10.92 3.61 -2.93
CA LEU A 95 11.26 4.72 -2.05
C LEU A 95 12.23 5.69 -2.70
N SER A 96 12.94 5.29 -3.73
CA SER A 96 13.96 6.14 -4.36
C SER A 96 13.38 7.04 -5.45
N TYR A 97 12.15 6.81 -5.87
CA TYR A 97 11.49 7.68 -6.84
C TYR A 97 10.45 8.55 -6.15
N ARG A 98 10.35 9.79 -6.57
CA ARG A 98 9.27 10.67 -6.12
C ARG A 98 7.94 10.05 -6.51
N ASP A 99 7.04 9.90 -5.53
CA ASP A 99 5.73 9.31 -5.76
C ASP A 99 5.85 7.89 -6.38
N GLY A 100 6.91 7.16 -6.03
CA GLY A 100 7.15 5.86 -6.66
C GLY A 100 6.01 4.87 -6.41
N ALA A 101 5.58 4.77 -5.16
CA ALA A 101 4.48 3.82 -4.83
C ALA A 101 3.17 4.27 -5.44
N LEU A 102 2.91 5.60 -5.49
CA LEU A 102 1.69 6.07 -6.12
C LEU A 102 1.69 5.78 -7.61
N LEU A 103 2.83 5.94 -8.27
CA LEU A 103 2.93 5.61 -9.71
C LEU A 103 2.62 4.13 -9.88
N HIS A 104 3.18 3.32 -9.01
CA HIS A 104 3.04 1.85 -9.10
C HIS A 104 1.61 1.42 -8.80
N ALA A 105 0.96 1.96 -7.80
CA ALA A 105 -0.38 1.50 -7.40
C ALA A 105 -1.28 1.33 -8.62
N GLY A 106 -1.86 0.16 -8.82
CA GLY A 106 -2.82 -0.04 -9.89
C GLY A 106 -2.19 -0.45 -11.20
N SER A 107 -0.88 -0.49 -11.27
CA SER A 107 -0.25 -0.84 -12.56
C SER A 107 -0.34 -2.37 -12.77
N ARG A 108 -0.24 -2.76 -14.03
CA ARG A 108 -0.30 -4.17 -14.41
C ARG A 108 0.74 -4.41 -15.44
N PRO A 109 1.18 -5.66 -15.66
CA PRO A 109 2.20 -5.95 -16.65
C PRO A 109 1.78 -5.49 -18.03
N THR A 110 2.76 -5.02 -18.80
CA THR A 110 2.59 -4.82 -20.24
C THR A 110 2.69 -6.18 -20.97
N ALA A 111 2.37 -6.16 -22.28
CA ALA A 111 2.51 -7.36 -23.09
C ALA A 111 3.93 -7.92 -23.00
N ASP A 112 4.94 -7.09 -23.22
CA ASP A 112 6.32 -7.54 -23.20
C ASP A 112 6.76 -7.92 -21.79
N GLY A 113 6.20 -7.29 -20.78
CA GLY A 113 6.52 -7.66 -19.42
C GLY A 113 5.88 -8.99 -19.05
N ALA A 114 4.64 -9.20 -19.52
CA ALA A 114 3.98 -10.49 -19.27
C ALA A 114 4.71 -11.64 -19.91
N GLU A 115 5.37 -11.44 -21.05
CA GLU A 115 6.13 -12.51 -21.67
C GLU A 115 7.29 -12.98 -20.80
N ALA A 116 7.71 -12.18 -19.84
CA ALA A 116 8.80 -12.54 -18.94
C ALA A 116 8.35 -13.25 -17.67
N ILE A 117 7.04 -13.40 -17.47
CA ILE A 117 6.54 -14.00 -16.23
C ILE A 117 6.95 -15.47 -16.11
N PRO A 118 6.87 -16.28 -17.16
CA PRO A 118 7.34 -17.69 -17.04
C PRO A 118 8.73 -17.75 -16.42
N ALA A 119 9.65 -16.88 -16.84
CA ALA A 119 10.99 -16.91 -16.30
C ALA A 119 10.99 -16.40 -14.87
N LEU A 120 10.19 -15.36 -14.57
CA LEU A 120 10.08 -14.88 -13.20
C LEU A 120 9.68 -15.97 -12.25
N LEU A 121 8.78 -16.87 -12.67
CA LEU A 121 8.22 -17.85 -11.75
C LEU A 121 9.07 -19.10 -11.60
N ARG A 122 10.13 -19.26 -12.40
CA ARG A 122 10.90 -20.51 -12.38
C ARG A 122 11.36 -20.89 -10.98
N PRO A 123 11.97 -20.01 -10.18
CA PRO A 123 12.41 -20.43 -8.84
C PRO A 123 11.25 -20.93 -8.01
N LEU A 124 10.06 -20.37 -8.19
CA LEU A 124 8.91 -20.74 -7.38
C LEU A 124 8.33 -22.06 -7.85
N ARG A 125 8.28 -22.27 -9.16
CA ARG A 125 7.82 -23.58 -9.67
C ARG A 125 8.77 -24.68 -9.25
N GLU A 126 10.08 -24.41 -9.33
CA GLU A 126 11.06 -25.42 -8.94
C GLU A 126 10.95 -25.76 -7.45
N ALA A 127 10.50 -24.82 -6.64
CA ALA A 127 10.29 -25.06 -5.22
C ALA A 127 9.03 -25.89 -4.94
N GLY A 128 8.10 -25.96 -5.89
CA GLY A 128 6.91 -26.79 -5.76
C GLY A 128 5.61 -26.03 -5.88
N PHE A 129 5.63 -24.72 -6.12
CA PHE A 129 4.40 -23.98 -6.36
C PHE A 129 3.89 -24.27 -7.76
N SER A 130 2.56 -24.45 -7.89
CA SER A 130 1.96 -24.48 -9.18
C SER A 130 2.15 -23.14 -9.91
N ASP A 131 1.90 -23.18 -11.24
CA ASP A 131 2.02 -21.91 -11.98
C ASP A 131 1.09 -20.86 -11.43
N LYS A 132 -0.15 -21.25 -11.12
CA LYS A 132 -1.10 -20.27 -10.54
C LYS A 132 -0.63 -19.79 -9.18
N GLU A 133 -0.20 -20.72 -8.31
CA GLU A 133 0.26 -20.30 -6.99
C GLU A 133 1.48 -19.38 -7.10
N ALA A 134 2.41 -19.71 -7.99
CA ALA A 134 3.61 -18.93 -8.08
C ALA A 134 3.29 -17.50 -8.46
N LEU A 135 2.43 -17.28 -9.43
CA LEU A 135 2.03 -15.95 -9.81
C LEU A 135 1.35 -15.24 -8.63
N THR A 136 0.47 -15.93 -7.92
CA THR A 136 -0.17 -15.33 -6.74
C THR A 136 0.87 -14.95 -5.69
N VAL A 137 1.91 -15.75 -5.55
CA VAL A 137 2.97 -15.45 -4.61
C VAL A 137 3.65 -14.14 -5.00
N ILE A 138 4.00 -13.99 -6.29
CA ILE A 138 4.60 -12.74 -6.78
C ILE A 138 3.68 -11.56 -6.48
N ILE A 139 2.41 -11.64 -6.89
CA ILE A 139 1.47 -10.57 -6.68
C ILE A 139 1.42 -10.19 -5.20
N THR A 140 1.28 -11.18 -4.34
CA THR A 140 1.13 -10.97 -2.89
C THR A 140 2.35 -10.29 -2.30
N ILE A 141 3.54 -10.75 -2.67
CA ILE A 141 4.76 -10.16 -2.12
C ILE A 141 4.89 -8.72 -2.55
N GLY A 142 4.56 -8.42 -3.81
CA GLY A 142 4.66 -7.04 -4.29
C GLY A 142 3.61 -6.14 -3.63
N ARG A 143 2.42 -6.65 -3.42
CA ARG A 143 1.36 -5.86 -2.78
C ARG A 143 1.69 -5.62 -1.31
N TYR A 144 2.23 -6.59 -0.62
CA TYR A 144 2.69 -6.36 0.72
C TYR A 144 3.73 -5.22 0.72
N THR A 145 4.74 -5.31 -0.14
CA THR A 145 5.80 -4.31 -0.18
C THR A 145 5.21 -2.96 -0.55
N LEU A 146 4.26 -2.94 -1.50
CA LEU A 146 3.62 -1.69 -1.88
C LEU A 146 2.92 -1.05 -0.70
N GLY A 147 2.18 -1.85 0.07
CA GLY A 147 1.49 -1.29 1.23
C GLY A 147 2.44 -0.71 2.25
N CYS A 148 3.59 -1.36 2.49
CA CYS A 148 4.56 -0.82 3.41
C CYS A 148 5.12 0.50 2.89
N VAL A 149 5.61 0.51 1.66
CA VAL A 149 6.22 1.74 1.15
C VAL A 149 5.23 2.90 1.16
N ILE A 150 3.99 2.63 0.72
CA ILE A 150 3.04 3.75 0.61
C ILE A 150 2.67 4.26 1.97
N ASP A 151 2.71 3.38 2.98
CA ASP A 151 2.36 3.80 4.37
C ASP A 151 3.53 4.40 5.10
N GLU A 152 4.75 4.12 4.67
CA GLU A 152 5.94 4.68 5.30
C GLU A 152 6.09 6.15 5.02
N GLN A 153 5.65 6.60 3.85
CA GLN A 153 5.87 7.99 3.44
C GLN A 153 4.90 8.92 4.17
N ARG A 154 5.46 9.88 4.91
CA ARG A 154 4.67 10.76 5.75
C ARG A 154 5.37 12.09 5.93
N ALA A 159 8.55 12.71 13.88
CA ALA A 159 7.95 12.57 15.21
C ALA A 159 7.94 11.10 15.63
N PRO A 160 8.06 10.84 16.93
CA PRO A 160 8.06 9.44 17.38
C PRO A 160 6.69 8.78 17.15
N GLN A 161 6.71 7.56 16.69
CA GLN A 161 5.50 6.79 16.44
C GLN A 161 5.60 5.45 17.14
N PRO A 162 4.46 4.83 17.45
CA PRO A 162 4.49 3.50 18.05
C PRO A 162 5.11 2.48 17.12
N GLY A 163 5.73 1.46 17.71
CA GLY A 163 6.23 0.34 16.94
C GLY A 163 7.71 0.44 16.65
N PRO A 164 8.25 -0.58 16.01
CA PRO A 164 9.73 -0.68 15.83
C PRO A 164 10.28 0.13 14.68
N GLY A 165 9.42 0.75 13.86
CA GLY A 165 9.96 1.49 12.72
C GLY A 165 9.83 0.73 11.41
N ALA A 166 10.01 1.48 10.32
CA ALA A 166 9.60 0.97 9.00
C ALA A 166 10.40 -0.27 8.61
N ASP A 167 11.73 -0.24 8.77
CA ASP A 167 12.56 -1.37 8.36
C ASP A 167 12.17 -2.64 9.09
N ASP A 168 12.12 -2.59 10.42
CA ASP A 168 11.81 -3.77 11.22
C ASP A 168 10.39 -4.23 10.97
N THR A 169 9.44 -3.29 10.84
CA THR A 169 8.07 -3.64 10.55
C THR A 169 7.97 -4.33 9.20
N PHE A 170 8.64 -3.78 8.19
CA PHE A 170 8.62 -4.42 6.87
C PHE A 170 9.17 -5.83 6.94
N GLU A 171 10.33 -6.01 7.57
CA GLU A 171 10.97 -7.33 7.61
C GLU A 171 10.14 -8.31 8.43
N PHE A 172 9.52 -7.84 9.51
CA PHE A 172 8.68 -8.71 10.31
C PHE A 172 7.59 -9.35 9.47
N GLY A 173 6.85 -8.54 8.73
CA GLY A 173 5.80 -9.07 7.90
C GLY A 173 6.31 -9.87 6.71
N LEU A 174 7.42 -9.42 6.09
CA LEU A 174 7.98 -10.18 4.99
C LEU A 174 8.31 -11.61 5.45
N GLN A 175 9.04 -11.74 6.56
CA GLN A 175 9.47 -13.04 7.02
C GLN A 175 8.28 -13.91 7.44
N ALA A 176 7.23 -13.27 8.00
CA ALA A 176 6.06 -14.05 8.36
C ALA A 176 5.36 -14.55 7.10
N LEU A 177 5.19 -13.66 6.13
CA LEU A 177 4.54 -14.03 4.89
C LEU A 177 5.29 -15.15 4.19
N LEU A 178 6.64 -15.03 4.14
CA LEU A 178 7.43 -16.06 3.48
C LEU A 178 7.31 -17.40 4.22
N ALA A 179 7.22 -17.36 5.57
CA ALA A 179 7.08 -18.60 6.33
C ALA A 179 5.75 -19.26 6.05
N GLY A 180 4.68 -18.46 5.93
CA GLY A 180 3.38 -19.03 5.62
C GLY A 180 3.32 -19.62 4.22
N LEU A 181 4.00 -19.01 3.26
CA LEU A 181 4.01 -19.52 1.91
C LEU A 181 4.76 -20.84 1.87
N ARG A 182 5.89 -20.92 2.57
CA ARG A 182 6.64 -22.15 2.66
C ARG A 182 5.79 -23.26 3.26
N ALA A 183 4.80 -22.92 4.09
CA ALA A 183 4.01 -23.93 4.78
C ALA A 183 3.02 -24.62 3.86
N ARG A 184 2.73 -24.05 2.67
CA ARG A 184 1.83 -24.73 1.75
C ARG A 184 2.56 -25.55 0.70
N LEU A 185 3.88 -25.57 0.73
CA LEU A 185 4.65 -26.46 -0.13
C LEU A 185 4.52 -27.92 0.41
N VAL B 5 -21.64 24.32 14.30
CA VAL B 5 -21.31 23.00 14.91
C VAL B 5 -20.32 23.18 16.05
N ARG B 6 -20.28 22.18 16.95
CA ARG B 6 -19.38 22.26 18.10
C ARG B 6 -17.93 22.22 17.63
N LEU B 7 -17.07 22.96 18.32
CA LEU B 7 -15.67 23.11 17.92
C LEU B 7 -14.89 21.97 18.58
N SER B 8 -14.78 20.84 17.87
CA SER B 8 -14.07 19.69 18.38
C SER B 8 -13.42 18.98 17.20
N PRO B 9 -12.28 18.35 17.42
CA PRO B 9 -11.61 17.65 16.29
C PRO B 9 -12.52 16.64 15.56
N GLU B 10 -13.23 15.78 16.30
CA GLU B 10 -14.00 14.74 15.66
C GLU B 10 -15.09 15.34 14.78
N THR B 11 -15.78 16.39 15.27
CA THR B 11 -16.81 17.00 14.45
C THR B 11 -16.23 17.50 13.12
N PHE B 12 -15.06 18.14 13.17
CA PHE B 12 -14.44 18.63 11.94
C PHE B 12 -13.99 17.46 11.04
N ALA B 13 -13.39 16.44 11.63
CA ALA B 13 -12.89 15.31 10.83
C ALA B 13 -14.06 14.56 10.16
N ARG B 14 -15.19 14.41 10.86
CA ARG B 14 -16.31 13.73 10.24
C ARG B 14 -16.93 14.56 9.14
N ALA B 15 -16.89 15.88 9.26
CA ALA B 15 -17.30 16.73 8.13
C ALA B 15 -16.33 16.59 6.96
N ALA B 16 -15.04 16.40 7.25
CA ALA B 16 -14.06 16.22 6.18
C ALA B 16 -14.27 14.87 5.48
N LEU B 17 -14.73 13.84 6.21
CA LEU B 17 -15.00 12.56 5.59
C LEU B 17 -16.15 12.67 4.60
N LYS B 18 -17.16 13.49 4.94
CA LYS B 18 -18.21 13.79 3.96
C LYS B 18 -17.62 14.48 2.73
N LEU B 19 -16.75 15.47 2.95
CA LEU B 19 -16.11 16.16 1.84
C LEU B 19 -15.23 15.21 1.01
N LEU B 20 -14.72 14.14 1.62
CA LEU B 20 -13.92 13.17 0.89
C LEU B 20 -14.76 12.42 -0.14
N ASN B 21 -15.90 11.85 0.28
CA ASN B 21 -16.75 11.14 -0.68
C ASN B 21 -17.27 12.09 -1.76
N LYS B 22 -17.42 13.37 -1.42
CA LYS B 22 -17.97 14.33 -2.37
C LYS B 22 -16.93 14.78 -3.39
N SER B 23 -15.73 15.13 -2.94
CA SER B 23 -14.73 15.75 -3.79
C SER B 23 -13.45 14.95 -3.92
N GLY B 24 -13.30 13.82 -3.20
CA GLY B 24 -12.10 13.05 -3.23
C GLY B 24 -11.01 13.65 -2.35
N LEU B 25 -9.90 12.90 -2.24
CA LEU B 25 -8.80 13.37 -1.41
C LEU B 25 -8.26 14.70 -1.92
N GLU B 26 -8.35 14.94 -3.23
CA GLU B 26 -7.92 16.21 -3.79
C GLU B 26 -8.74 17.37 -3.22
N GLY B 27 -9.99 17.12 -2.85
CA GLY B 27 -10.85 18.19 -2.35
C GLY B 27 -10.89 18.27 -0.84
N VAL B 28 -9.84 17.76 -0.19
CA VAL B 28 -9.75 17.77 1.27
C VAL B 28 -8.45 18.49 1.65
N SER B 29 -8.59 19.61 2.34
CA SER B 29 -7.45 20.30 2.95
C SER B 29 -7.99 21.18 4.07
N LEU B 30 -7.07 21.76 4.84
CA LEU B 30 -7.48 22.68 5.90
C LEU B 30 -8.18 23.90 5.30
N ARG B 31 -7.59 24.52 4.29
CA ARG B 31 -8.25 25.62 3.61
C ARG B 31 -9.57 25.15 3.01
N LYS B 32 -9.54 24.05 2.26
CA LYS B 32 -10.73 23.59 1.57
C LYS B 32 -11.82 23.21 2.54
N LEU B 33 -11.45 22.66 3.69
CA LEU B 33 -12.45 22.32 4.72
C LEU B 33 -12.94 23.58 5.44
N GLY B 34 -12.01 24.52 5.76
CA GLY B 34 -12.43 25.77 6.34
C GLY B 34 -13.42 26.51 5.47
N ASP B 35 -13.32 26.32 4.15
CA ASP B 35 -14.28 26.95 3.25
C ASP B 35 -15.66 26.33 3.39
N GLU B 36 -15.74 25.04 3.65
CA GLU B 36 -17.01 24.34 3.86
C GLU B 36 -17.56 24.55 5.26
N LEU B 37 -16.93 25.42 6.06
CA LEU B 37 -17.34 25.68 7.43
C LEU B 37 -17.71 27.12 7.69
N GLY B 38 -17.44 28.04 6.75
CA GLY B 38 -17.87 29.41 6.92
C GLY B 38 -17.13 30.12 8.03
N VAL B 39 -17.88 30.88 8.84
CA VAL B 39 -17.29 31.64 9.94
C VAL B 39 -16.50 30.74 10.86
N GLN B 40 -16.85 29.45 10.93
CA GLN B 40 -16.17 28.52 11.82
C GLN B 40 -14.88 27.96 11.22
N GLY B 41 -14.54 28.35 10.01
CA GLY B 41 -13.33 27.88 9.35
C GLY B 41 -12.08 28.06 10.17
N PRO B 42 -11.80 29.30 10.59
CA PRO B 42 -10.53 29.57 11.31
C PRO B 42 -10.34 28.68 12.54
N ALA B 43 -11.42 28.19 13.14
CA ALA B 43 -11.29 27.31 14.29
C ALA B 43 -10.63 25.99 13.92
N LEU B 44 -10.65 25.61 12.64
CA LEU B 44 -10.04 24.34 12.22
C LEU B 44 -8.57 24.28 12.66
N TYR B 45 -7.87 25.43 12.56
CA TYR B 45 -6.42 25.41 12.80
C TYR B 45 -6.07 25.24 14.27
N ALA B 46 -7.00 25.55 15.19
CA ALA B 46 -6.75 25.29 16.59
C ALA B 46 -6.57 23.78 16.88
N HIS B 47 -7.06 22.92 16.01
CA HIS B 47 -7.05 21.48 16.25
C HIS B 47 -6.19 20.71 15.26
N PHE B 48 -5.89 21.28 14.09
CA PHE B 48 -5.06 20.63 13.08
C PHE B 48 -4.01 21.62 12.60
N LYS B 49 -2.73 21.26 12.76
CA LYS B 49 -1.66 22.15 12.30
C LYS B 49 -1.47 22.06 10.80
N ASN B 50 -1.78 20.92 10.19
CA ASN B 50 -1.54 20.72 8.77
C ASN B 50 -2.56 19.68 8.27
N LYS B 51 -2.53 19.46 6.94
CA LYS B 51 -3.43 18.50 6.35
C LYS B 51 -3.28 17.13 7.00
N GLN B 52 -2.03 16.71 7.25
CA GLN B 52 -1.81 15.33 7.73
C GLN B 52 -2.46 15.11 9.11
N GLU B 53 -2.44 16.14 9.97
CA GLU B 53 -3.07 15.99 11.28
C GLU B 53 -4.57 15.73 11.11
N LEU B 54 -5.18 16.40 10.14
CA LEU B 54 -6.59 16.13 9.84
C LEU B 54 -6.76 14.72 9.29
N LEU B 55 -5.89 14.34 8.35
CA LEU B 55 -6.05 13.01 7.73
C LEU B 55 -5.89 11.90 8.74
N ASP B 56 -4.99 12.07 9.71
CA ASP B 56 -4.82 11.04 10.77
C ASP B 56 -6.14 10.79 11.48
N LEU B 57 -6.85 11.86 11.82
CA LEU B 57 -8.08 11.65 12.57
C LEU B 57 -9.18 11.09 11.68
N MET B 58 -9.31 11.60 10.46
CA MET B 58 -10.24 11.01 9.51
C MET B 58 -9.97 9.52 9.33
N ALA B 59 -8.69 9.15 9.14
CA ALA B 59 -8.37 7.73 8.91
C ALA B 59 -8.78 6.88 10.12
N GLU B 60 -8.50 7.36 11.32
CA GLU B 60 -8.85 6.64 12.53
C GLU B 60 -10.35 6.47 12.67
N ILE B 61 -11.11 7.54 12.43
CA ILE B 61 -12.57 7.47 12.59
C ILE B 61 -13.16 6.53 11.54
N MET B 62 -12.67 6.62 10.31
CA MET B 62 -13.22 5.79 9.22
C MET B 62 -13.16 4.32 9.59
N LEU B 63 -12.04 3.88 10.12
CA LEU B 63 -11.90 2.43 10.45
C LEU B 63 -12.45 2.09 11.84
N ASP B 64 -12.39 3.03 12.79
CA ASP B 64 -13.08 2.81 14.08
C ASP B 64 -14.54 2.45 13.86
N GLU B 65 -15.21 3.15 12.95
CA GLU B 65 -16.64 2.91 12.73
C GLU B 65 -16.90 1.46 12.36
N ALA B 66 -16.00 0.88 11.58
CA ALA B 66 -16.20 -0.49 11.09
C ALA B 66 -15.60 -1.55 12.00
N LEU B 67 -14.56 -1.23 12.74
CA LEU B 67 -13.92 -2.17 13.64
C LEU B 67 -14.51 -2.16 15.05
N ALA B 68 -15.42 -1.23 15.34
CA ALA B 68 -16.02 -1.17 16.68
C ALA B 68 -16.51 -2.52 17.21
N PRO B 69 -17.23 -3.32 16.44
CA PRO B 69 -17.70 -4.61 17.01
C PRO B 69 -16.56 -5.52 17.44
N LEU B 70 -15.46 -5.56 16.66
CA LEU B 70 -14.29 -6.33 17.08
C LEU B 70 -13.57 -5.70 18.25
N ASP B 71 -13.59 -4.35 18.36
CA ASP B 71 -12.91 -3.70 19.48
C ASP B 71 -13.62 -3.94 20.79
N ALA B 72 -14.93 -4.17 20.75
CA ALA B 72 -15.71 -4.35 21.96
C ALA B 72 -15.60 -5.75 22.54
N MET B 73 -15.05 -6.69 21.79
CA MET B 73 -15.00 -8.08 22.22
C MET B 73 -14.09 -8.25 23.43
N THR B 74 -14.57 -9.03 24.39
CA THR B 74 -13.79 -9.38 25.57
C THR B 74 -13.34 -10.83 25.47
N GLU B 75 -12.18 -11.10 26.04
CA GLU B 75 -11.57 -12.43 26.06
C GLU B 75 -11.77 -13.17 24.72
N VAL B 76 -11.13 -12.62 23.69
CA VAL B 76 -11.17 -13.25 22.36
C VAL B 76 -10.42 -14.58 22.43
N ALA B 77 -11.08 -15.66 22.02
CA ALA B 77 -10.51 -16.98 22.15
C ALA B 77 -9.65 -17.36 20.96
N ASP B 78 -9.91 -16.80 19.78
CA ASP B 78 -9.27 -17.18 18.55
C ASP B 78 -8.67 -15.94 17.90
N TRP B 79 -7.41 -15.68 18.22
CA TRP B 79 -6.73 -14.47 17.66
C TRP B 79 -6.61 -14.56 16.16
N HIS B 80 -6.46 -15.77 15.62
CA HIS B 80 -6.37 -15.94 14.17
C HIS B 80 -7.63 -15.40 13.49
N TRP B 81 -8.78 -15.86 13.92
CA TRP B 81 -10.04 -15.38 13.37
C TRP B 81 -10.17 -13.88 13.57
N TRP B 82 -9.81 -13.40 14.75
CA TRP B 82 -10.04 -11.98 15.09
C TRP B 82 -9.18 -11.10 14.19
N LEU B 83 -7.90 -11.44 14.00
CA LEU B 83 -7.04 -10.66 13.15
C LEU B 83 -7.53 -10.71 11.70
N ALA B 84 -7.90 -11.89 11.22
CA ALA B 84 -8.40 -12.02 9.86
C ALA B 84 -9.63 -11.14 9.66
N GLU B 85 -10.52 -11.10 10.66
CA GLU B 85 -11.72 -10.28 10.49
C GLU B 85 -11.40 -8.80 10.51
N ARG B 86 -10.40 -8.39 11.30
CA ARG B 86 -9.92 -7.00 11.24
C ARG B 86 -9.48 -6.65 9.85
N ALA B 87 -8.63 -7.53 9.25
CA ALA B 87 -8.10 -7.21 7.92
C ALA B 87 -9.22 -7.14 6.91
N ARG B 88 -10.15 -8.13 6.94
CA ARG B 88 -11.25 -8.13 5.99
C ARG B 88 -12.11 -6.88 6.16
N THR B 89 -12.31 -6.46 7.41
CA THR B 89 -13.11 -5.27 7.67
C THR B 89 -12.40 -4.03 7.15
N ILE B 90 -11.11 -3.93 7.42
CA ILE B 90 -10.33 -2.78 6.91
C ILE B 90 -10.44 -2.73 5.38
N ARG B 91 -10.24 -3.90 4.72
CA ARG B 91 -10.30 -3.94 3.27
C ARG B 91 -11.66 -3.48 2.76
N ARG B 92 -12.75 -4.00 3.34
CA ARG B 92 -14.06 -3.62 2.89
C ARG B 92 -14.27 -2.13 3.10
N THR B 93 -13.82 -1.60 4.23
CA THR B 93 -14.10 -0.20 4.57
C THR B 93 -13.33 0.73 3.65
N LEU B 94 -12.03 0.48 3.46
CA LEU B 94 -11.24 1.31 2.57
C LEU B 94 -11.82 1.30 1.17
N LEU B 95 -12.27 0.15 0.69
CA LEU B 95 -12.90 0.07 -0.62
C LEU B 95 -14.23 0.82 -0.69
N SER B 96 -14.91 1.01 0.45
CA SER B 96 -16.20 1.66 0.44
C SER B 96 -16.09 3.18 0.32
N TYR B 97 -14.95 3.74 0.65
CA TYR B 97 -14.77 5.20 0.62
C TYR B 97 -14.01 5.64 -0.62
N ARG B 98 -14.46 6.73 -1.22
CA ARG B 98 -13.70 7.35 -2.30
C ARG B 98 -12.29 7.68 -1.80
N ASP B 99 -11.29 7.19 -2.53
CA ASP B 99 -9.89 7.43 -2.17
C ASP B 99 -9.60 6.98 -0.73
N GLY B 100 -10.26 5.91 -0.31
CA GLY B 100 -10.10 5.43 1.05
C GLY B 100 -8.68 5.06 1.37
N ALA B 101 -8.07 4.21 0.54
CA ALA B 101 -6.70 3.78 0.75
C ALA B 101 -5.73 4.95 0.60
N LEU B 102 -5.98 5.86 -0.34
CA LEU B 102 -5.13 7.04 -0.47
C LEU B 102 -5.20 7.92 0.76
N LEU B 103 -6.41 8.08 1.34
CA LEU B 103 -6.54 8.84 2.57
C LEU B 103 -5.79 8.16 3.71
N HIS B 104 -5.87 6.82 3.77
CA HIS B 104 -5.26 6.14 4.89
C HIS B 104 -3.73 6.18 4.83
N ALA B 105 -3.20 6.09 3.64
CA ALA B 105 -1.76 5.86 3.46
C ALA B 105 -0.99 6.98 4.16
N GLY B 106 -0.06 6.57 5.01
CA GLY B 106 0.79 7.52 5.73
C GLY B 106 0.19 7.99 7.06
N SER B 107 -1.05 7.60 7.37
CA SER B 107 -1.67 8.05 8.61
C SER B 107 -1.02 7.31 9.77
N ARG B 108 -1.16 7.91 10.95
CA ARG B 108 -0.65 7.34 12.19
C ARG B 108 -1.68 7.58 13.27
N PRO B 109 -1.64 6.83 14.36
CA PRO B 109 -2.64 7.00 15.44
C PRO B 109 -2.58 8.38 16.07
N THR B 110 -3.75 8.94 16.33
CA THR B 110 -3.82 10.14 17.13
C THR B 110 -3.52 9.79 18.59
N ALA B 111 -3.46 10.82 19.42
CA ALA B 111 -3.19 10.62 20.84
C ALA B 111 -4.28 9.79 21.48
N ASP B 112 -5.55 10.11 21.20
CA ASP B 112 -6.65 9.33 21.75
C ASP B 112 -6.69 7.94 21.15
N GLY B 113 -6.29 7.80 19.89
CA GLY B 113 -6.22 6.49 19.28
C GLY B 113 -5.11 5.65 19.89
N ALA B 114 -3.95 6.27 20.14
CA ALA B 114 -2.84 5.53 20.74
C ALA B 114 -3.17 5.04 22.13
N GLU B 115 -3.99 5.80 22.89
CA GLU B 115 -4.38 5.34 24.21
C GLU B 115 -5.18 4.06 24.15
N ALA B 116 -5.75 3.72 23.00
CA ALA B 116 -6.55 2.52 22.83
C ALA B 116 -5.75 1.31 22.37
N ILE B 117 -4.44 1.45 22.21
CA ILE B 117 -3.61 0.37 21.68
C ILE B 117 -3.50 -0.77 22.67
N PRO B 118 -3.28 -0.51 23.96
CA PRO B 118 -3.23 -1.64 24.92
C PRO B 118 -4.43 -2.55 24.83
N ALA B 119 -5.63 -2.00 24.72
CA ALA B 119 -6.81 -2.84 24.55
C ALA B 119 -6.77 -3.58 23.23
N LEU B 120 -6.34 -2.89 22.17
CA LEU B 120 -6.26 -3.53 20.87
C LEU B 120 -5.35 -4.74 20.88
N LEU B 121 -4.24 -4.69 21.62
CA LEU B 121 -3.24 -5.73 21.62
C LEU B 121 -3.61 -6.90 22.53
N ARG B 122 -4.60 -6.75 23.40
CA ARG B 122 -4.82 -7.78 24.43
C ARG B 122 -5.11 -9.16 23.84
N PRO B 123 -5.93 -9.33 22.82
CA PRO B 123 -6.13 -10.67 22.25
C PRO B 123 -4.84 -11.30 21.78
N LEU B 124 -3.90 -10.52 21.28
CA LEU B 124 -2.63 -11.06 20.83
C LEU B 124 -1.71 -11.39 21.99
N ARG B 125 -1.70 -10.55 23.02
CA ARG B 125 -0.91 -10.85 24.21
C ARG B 125 -1.40 -12.11 24.89
N GLU B 126 -2.72 -12.25 25.03
CA GLU B 126 -3.28 -13.46 25.62
C GLU B 126 -2.90 -14.69 24.80
N ALA B 127 -2.63 -14.52 23.51
CA ALA B 127 -2.24 -15.63 22.66
C ALA B 127 -0.78 -16.03 22.81
N GLY B 128 0.04 -15.16 23.40
CA GLY B 128 1.45 -15.44 23.61
C GLY B 128 2.37 -14.42 22.95
N PHE B 129 1.85 -13.54 22.11
CA PHE B 129 2.69 -12.48 21.52
C PHE B 129 3.11 -11.49 22.61
N SER B 130 4.37 -11.09 22.56
CA SER B 130 4.84 -10.02 23.42
C SER B 130 4.12 -8.72 23.05
N ASP B 131 4.15 -7.76 23.97
CA ASP B 131 3.54 -6.46 23.70
C ASP B 131 4.15 -5.83 22.45
N LYS B 132 5.48 -5.90 22.33
CA LYS B 132 6.16 -5.32 21.18
C LYS B 132 5.78 -6.05 19.90
N GLU B 133 5.75 -7.40 19.93
CA GLU B 133 5.39 -8.14 18.73
C GLU B 133 3.94 -7.94 18.38
N ALA B 134 3.05 -7.90 19.39
CA ALA B 134 1.64 -7.70 19.11
C ALA B 134 1.39 -6.42 18.32
N LEU B 135 2.04 -5.34 18.67
CA LEU B 135 1.88 -4.10 17.91
C LEU B 135 2.42 -4.28 16.48
N THR B 136 3.59 -4.87 16.34
CA THR B 136 4.13 -5.09 14.98
C THR B 136 3.17 -5.94 14.14
N VAL B 137 2.47 -6.88 14.76
CA VAL B 137 1.48 -7.66 14.03
C VAL B 137 0.37 -6.78 13.52
N ILE B 138 -0.15 -5.91 14.37
CA ILE B 138 -1.20 -4.99 13.97
C ILE B 138 -0.75 -4.14 12.78
N ILE B 139 0.41 -3.51 12.89
CA ILE B 139 0.88 -2.61 11.84
C ILE B 139 1.04 -3.39 10.53
N THR B 140 1.67 -4.58 10.62
CA THR B 140 1.90 -5.40 9.42
C THR B 140 0.60 -5.82 8.74
N ILE B 141 -0.39 -6.27 9.51
CA ILE B 141 -1.65 -6.70 8.89
C ILE B 141 -2.34 -5.53 8.19
N GLY B 142 -2.29 -4.35 8.78
CA GLY B 142 -2.94 -3.19 8.19
C GLY B 142 -2.22 -2.79 6.88
N ARG B 143 -0.91 -2.92 6.84
CA ARG B 143 -0.13 -2.51 5.68
C ARG B 143 -0.28 -3.52 4.56
N TYR B 144 -0.32 -4.82 4.87
CA TYR B 144 -0.66 -5.79 3.84
C TYR B 144 -2.02 -5.47 3.23
N THR B 145 -3.01 -5.18 4.08
CA THR B 145 -4.32 -4.89 3.55
C THR B 145 -4.32 -3.63 2.72
N LEU B 146 -3.62 -2.60 3.20
CA LEU B 146 -3.55 -1.34 2.48
C LEU B 146 -2.92 -1.55 1.11
N GLY B 147 -1.89 -2.38 1.04
CA GLY B 147 -1.23 -2.62 -0.24
C GLY B 147 -2.15 -3.33 -1.23
N CYS B 148 -2.96 -4.27 -0.73
CA CYS B 148 -3.90 -4.96 -1.62
C CYS B 148 -4.95 -4.00 -2.12
N VAL B 149 -5.53 -3.19 -1.22
CA VAL B 149 -6.62 -2.31 -1.64
C VAL B 149 -6.13 -1.31 -2.67
N ILE B 150 -4.97 -0.69 -2.40
CA ILE B 150 -4.53 0.39 -3.27
C ILE B 150 -4.10 -0.12 -4.63
N ASP B 151 -3.71 -1.41 -4.71
CA ASP B 151 -3.26 -1.99 -5.97
C ASP B 151 -4.40 -2.61 -6.76
N GLU B 152 -5.36 -3.24 -6.06
CA GLU B 152 -6.46 -3.88 -6.79
C GLU B 152 -7.35 -2.87 -7.48
N GLN B 153 -7.24 -1.59 -7.14
CA GLN B 153 -7.96 -0.55 -7.86
C GLN B 153 -7.36 -0.40 -9.26
N ARG B 154 -8.19 -0.52 -10.29
CA ARG B 154 -7.75 -0.42 -11.67
C ARG B 154 -8.83 0.27 -12.49
N PRO B 155 -8.60 1.51 -12.97
CA PRO B 155 -9.62 2.17 -13.79
C PRO B 155 -10.12 1.31 -14.95
N GLY B 165 -10.94 -12.72 -8.13
CA GLY B 165 -9.49 -12.83 -8.24
C GLY B 165 -8.78 -11.97 -7.21
N ALA B 166 -9.17 -10.69 -7.12
CA ALA B 166 -8.64 -9.84 -6.08
C ALA B 166 -8.96 -10.40 -4.70
N ASP B 167 -10.16 -10.95 -4.52
CA ASP B 167 -10.53 -11.55 -3.24
C ASP B 167 -9.66 -12.75 -2.94
N ASP B 168 -9.48 -13.63 -3.93
CA ASP B 168 -8.67 -14.83 -3.71
C ASP B 168 -7.23 -14.46 -3.40
N THR B 169 -6.66 -13.52 -4.17
CA THR B 169 -5.29 -13.11 -3.90
C THR B 169 -5.14 -12.49 -2.52
N PHE B 170 -6.11 -11.66 -2.12
CA PHE B 170 -6.08 -11.08 -0.78
C PHE B 170 -6.01 -12.17 0.30
N GLU B 171 -6.95 -13.12 0.29
CA GLU B 171 -6.95 -14.13 1.36
C GLU B 171 -5.76 -15.06 1.25
N PHE B 172 -5.28 -15.32 0.04
CA PHE B 172 -4.07 -16.13 -0.12
C PHE B 172 -2.96 -15.54 0.73
N GLY B 173 -2.72 -14.22 0.58
CA GLY B 173 -1.66 -13.58 1.32
C GLY B 173 -2.01 -13.43 2.78
N LEU B 174 -3.29 -13.18 3.09
CA LEU B 174 -3.69 -13.03 4.49
C LEU B 174 -3.42 -14.33 5.23
N GLN B 175 -3.81 -15.43 4.65
CA GLN B 175 -3.68 -16.72 5.36
C GLN B 175 -2.21 -17.09 5.53
N ALA B 176 -1.39 -16.80 4.52
CA ALA B 176 0.04 -17.04 4.63
C ALA B 176 0.66 -16.19 5.73
N LEU B 177 0.33 -14.88 5.74
CA LEU B 177 0.81 -14.02 6.81
C LEU B 177 0.40 -14.56 8.17
N LEU B 178 -0.86 -14.91 8.33
CA LEU B 178 -1.34 -15.38 9.62
C LEU B 178 -0.69 -16.71 10.01
N ALA B 179 -0.47 -17.61 9.05
CA ALA B 179 0.23 -18.84 9.36
C ALA B 179 1.66 -18.58 9.79
N GLY B 180 2.34 -17.62 9.14
CA GLY B 180 3.70 -17.31 9.56
C GLY B 180 3.75 -16.71 10.95
N LEU B 181 2.77 -15.91 11.30
CA LEU B 181 2.71 -15.37 12.66
C LEU B 181 2.44 -16.48 13.67
N ARG B 182 1.56 -17.42 13.33
CA ARG B 182 1.31 -18.56 14.22
C ARG B 182 2.60 -19.33 14.52
N ALA B 183 3.46 -19.50 13.52
CA ALA B 183 4.72 -20.24 13.68
C ALA B 183 5.63 -19.53 14.67
N ARG B 184 5.41 -18.24 14.92
CA ARG B 184 6.24 -17.43 15.83
C ARG B 184 5.91 -17.74 17.29
N LEU B 185 4.76 -18.34 17.58
CA LEU B 185 4.36 -18.64 18.95
C LEU B 185 4.91 -19.99 19.41
#